data_7VM6
#
_entry.id   7VM6
#
_cell.length_a   120.435
_cell.length_b   120.435
_cell.length_c   42.637
_cell.angle_alpha   90.000
_cell.angle_beta   90.000
_cell.angle_gamma   120.000
#
_symmetry.space_group_name_H-M   'H 3'
#
loop_
_entity.id
_entity.type
_entity.pdbx_description
1 polymer 'Urokinase-type plasminogen activator chain B'
2 non-polymer 6-oxidanylnaphthalene-2-carboximidamide
3 non-polymer 'SULFATE ION'
4 non-polymer 'TRIETHYLENE GLYCOL'
5 water water
#
_entity_poly.entity_id   1
_entity_poly.type   'polypeptide(L)'
_entity_poly.pdbx_seq_one_letter_code
;IIGGEFTTIENQPWFAAIYRRHRGGSVTYVCGGSLISPCWVISATHCFIDYPKKEDYIVYLGRSRLNSNTQGEMKFEVEN
LILHKDYSADTLAHHNDIALLKIRSKEGRCAQPSRTIQTIALPSMYNDPQFGTSCEITGFGKEQSTDYLYPEQLKMTVVK
LISHRECQQPHYYGSEVTTKMLCAADPQWKTDSCQGDSGGPLVCSLQGRMTLTGIVSWGRGCALKDKPGVYTRVSHFLPW
IRSHTKEE
;
_entity_poly.pdbx_strand_id   U
#
loop_
_chem_comp.id
_chem_comp.type
_chem_comp.name
_chem_comp.formula
7R8 non-polymer 6-oxidanylnaphthalene-2-carboximidamide 'C11 H10 N2 O'
PGE non-polymer 'TRIETHYLENE GLYCOL' 'C6 H14 O4'
SO4 non-polymer 'SULFATE ION' 'O4 S -2'
#
# COMPACT_ATOMS: atom_id res chain seq x y z
N ILE A 1 4.03 9.73 -4.40
CA ILE A 1 3.04 9.93 -5.49
C ILE A 1 3.58 11.01 -6.42
N ILE A 2 3.78 10.64 -7.69
CA ILE A 2 4.18 11.58 -8.74
C ILE A 2 2.91 12.24 -9.25
N GLY A 3 2.90 13.58 -9.34
CA GLY A 3 1.73 14.29 -9.79
C GLY A 3 0.64 14.17 -8.74
N GLY A 4 -0.62 14.09 -9.19
CA GLY A 4 -1.72 14.01 -8.25
C GLY A 4 -1.85 15.26 -7.40
N GLU A 5 -2.39 15.07 -6.19
CA GLU A 5 -2.83 16.16 -5.38
C GLU A 5 -2.49 15.86 -3.91
N PHE A 6 -2.31 16.91 -3.11
CA PHE A 6 -2.25 16.73 -1.68
C PHE A 6 -3.64 16.43 -1.14
N THR A 7 -3.67 15.71 -0.01
CA THR A 7 -4.88 15.24 0.61
C THR A 7 -4.67 15.25 2.12
N THR A 8 -5.72 14.89 2.87
CA THR A 8 -5.64 14.64 4.29
C THR A 8 -6.26 13.28 4.60
N ILE A 9 -6.01 12.79 5.82
CA ILE A 9 -6.37 11.42 6.20
C ILE A 9 -7.89 11.23 6.05
N GLU A 10 -8.69 12.30 6.19
CA GLU A 10 -10.17 12.21 6.05
C GLU A 10 -10.58 11.62 4.71
N ASN A 11 -9.74 11.75 3.70
CA ASN A 11 -10.06 11.31 2.35
C ASN A 11 -9.56 9.89 2.08
N GLN A 12 -8.78 9.31 3.01
CA GLN A 12 -8.32 7.91 2.88
C GLN A 12 -8.14 7.38 4.30
N PRO A 13 -9.23 7.34 5.11
CA PRO A 13 -9.10 7.09 6.54
C PRO A 13 -8.67 5.68 6.93
N TRP A 14 -8.51 4.78 5.96
CA TRP A 14 -7.95 3.43 6.22
C TRP A 14 -6.43 3.45 6.08
N PHE A 15 -5.84 4.58 5.69
CA PHE A 15 -4.40 4.62 5.39
C PHE A 15 -3.58 4.54 6.68
N ALA A 16 -2.60 3.64 6.70
CA ALA A 16 -1.76 3.44 7.87
C ALA A 16 -0.35 3.85 7.48
N ALA A 17 0.29 4.60 8.38
CA ALA A 17 1.65 5.06 8.21
C ALA A 17 2.56 4.23 9.11
N ILE A 18 3.54 3.53 8.50
CA ILE A 18 4.34 2.55 9.20
C ILE A 18 5.77 3.07 9.27
N TYR A 19 6.29 3.11 10.49
CA TYR A 19 7.63 3.58 10.72
C TYR A 19 8.51 2.56 11.47
N ARG A 20 9.81 2.72 11.35
CA ARG A 20 10.76 1.86 12.06
C ARG A 20 11.64 2.61 13.09
N ARG A 21 11.77 2.05 14.29
CA ARG A 21 12.69 2.54 15.32
C ARG A 21 14.06 2.02 15.01
N HIS A 22 15.00 2.93 15.02
CA HIS A 22 16.38 2.67 14.78
C HIS A 22 17.14 2.37 16.09
N ARG A 23 18.28 1.76 15.89
CA ARG A 23 19.22 1.40 16.91
C ARG A 23 19.88 2.71 17.10
N GLY A 24 19.47 3.37 18.16
CA GLY A 24 19.90 4.73 18.39
C GLY A 24 18.72 5.58 18.73
N GLY A 25 17.51 5.11 18.49
CA GLY A 25 16.29 5.81 18.86
C GLY A 25 15.52 6.71 17.90
N SER A 26 16.09 6.98 16.74
CA SER A 26 15.44 7.78 15.70
C SER A 26 14.34 6.96 15.02
N VAL A 27 13.32 7.60 14.50
CA VAL A 27 12.23 6.88 13.85
C VAL A 27 12.05 7.35 12.43
N THR A 28 12.02 6.42 11.48
CA THR A 28 11.90 6.77 10.09
C THR A 28 10.77 6.05 9.41
N TYR A 29 10.20 6.68 8.39
CA TYR A 29 9.11 6.10 7.62
C TYR A 29 9.57 4.93 6.80
N VAL A 30 8.72 3.92 6.71
CA VAL A 30 9.02 2.71 5.97
C VAL A 30 8.09 2.61 4.76
N CYS A 31 6.79 2.47 5.02
CA CYS A 31 5.85 2.10 4.01
C CYS A 31 4.44 2.48 4.45
N GLY A 32 3.52 2.53 3.47
CA GLY A 32 2.08 2.62 3.69
C GLY A 32 1.46 1.25 4.01
N GLY A 33 0.18 1.28 4.37
CA GLY A 33 -0.65 0.09 4.60
C GLY A 33 -2.11 0.51 4.69
N SER A 34 -3.02 -0.44 4.91
CA SER A 34 -4.44 -0.20 4.90
C SER A 34 -5.08 -0.98 6.06
N LEU A 35 -5.93 -0.30 6.82
CA LEU A 35 -6.66 -0.96 7.89
C LEU A 35 -7.80 -1.78 7.29
N ILE A 36 -7.75 -3.10 7.49
CA ILE A 36 -8.79 -3.96 6.91
C ILE A 36 -9.75 -4.49 7.98
N SER A 37 -9.40 -4.34 9.26
CA SER A 37 -10.31 -4.56 10.39
C SER A 37 -9.69 -3.86 11.59
N PRO A 38 -10.39 -3.73 12.73
CA PRO A 38 -9.84 -3.00 13.87
C PRO A 38 -8.41 -3.39 14.23
N CYS A 39 -8.08 -4.69 14.14
CA CYS A 39 -6.79 -5.17 14.63
C CYS A 39 -5.79 -5.46 13.50
N TRP A 40 -6.18 -5.29 12.22
CA TRP A 40 -5.32 -5.77 11.13
C TRP A 40 -5.05 -4.66 10.10
N VAL A 41 -3.75 -4.50 9.79
CA VAL A 41 -3.28 -3.69 8.69
C VAL A 41 -2.60 -4.57 7.64
N ILE A 42 -2.87 -4.27 6.37
CA ILE A 42 -2.28 -5.02 5.28
C ILE A 42 -1.34 -4.09 4.50
N SER A 43 -0.17 -4.62 4.15
CA SER A 43 0.94 -3.88 3.51
C SER A 43 1.68 -4.88 2.60
N ALA A 44 2.93 -4.56 2.24
CA ALA A 44 3.74 -5.37 1.35
C ALA A 44 4.87 -6.00 2.17
N THR A 45 5.21 -7.27 1.88
CA THR A 45 6.33 -7.93 2.56
C THR A 45 7.65 -7.21 2.25
N HIS A 46 7.88 -6.71 1.03
CA HIS A 46 9.22 -6.22 0.71
C HIS A 46 9.62 -5.07 1.64
N CYS A 47 8.64 -4.40 2.23
CA CYS A 47 8.87 -3.27 3.14
C CYS A 47 9.62 -3.70 4.41
N PHE A 48 9.46 -4.97 4.81
CA PHE A 48 9.85 -5.46 6.12
C PHE A 48 10.93 -6.55 6.06
N ILE A 49 11.18 -7.08 4.86
CA ILE A 49 11.82 -8.38 4.72
C ILE A 49 13.25 -8.30 5.30
N ASP A 50 13.89 -7.14 5.14
CA ASP A 50 15.26 -6.91 5.59
C ASP A 50 15.33 -6.73 7.12
N TYR A 51 14.23 -6.33 7.75
CA TYR A 51 14.17 -6.07 9.18
C TYR A 51 12.90 -6.67 9.76
N PRO A 52 12.80 -8.02 9.84
CA PRO A 52 11.52 -8.68 10.13
C PRO A 52 11.08 -8.64 11.60
N LYS A 53 11.82 -7.94 12.47
CA LYS A 53 11.54 -7.98 13.89
C LYS A 53 10.41 -6.99 14.22
N LYS A 54 9.29 -7.50 14.73
CA LYS A 54 8.06 -6.72 14.85
C LYS A 54 8.22 -5.59 15.86
N GLU A 55 9.08 -5.79 16.87
CA GLU A 55 9.33 -4.83 17.91
C GLU A 55 9.90 -3.53 17.33
N ASP A 56 10.49 -3.58 16.13
CA ASP A 56 11.16 -2.42 15.56
C ASP A 56 10.13 -1.43 14.98
N TYR A 57 8.85 -1.81 14.87
CA TYR A 57 7.89 -1.01 14.07
C TYR A 57 6.85 -0.29 14.92
N ILE A 58 6.41 0.86 14.37
CA ILE A 58 5.32 1.69 14.93
C ILE A 58 4.31 1.92 13.79
N VAL A 59 3.02 1.77 14.07
CA VAL A 59 1.97 2.06 13.09
C VAL A 59 1.14 3.25 13.62
N TYR A 60 0.92 4.24 12.76
CA TYR A 60 -0.01 5.33 13.00
C TYR A 60 -1.23 5.19 12.08
N LEU A 61 -2.41 5.39 12.68
CA LEU A 61 -3.65 5.61 12.00
C LEU A 61 -4.07 7.07 12.24
N GLY A 62 -4.80 7.64 11.30
CA GLY A 62 -5.34 9.01 11.43
C GLY A 62 -4.30 10.07 11.18
N ARG A 63 -3.24 9.72 10.44
CA ARG A 63 -2.11 10.60 10.26
C ARG A 63 -2.11 11.18 8.83
N SER A 64 -2.07 12.51 8.73
CA SER A 64 -2.05 13.24 7.45
C SER A 64 -0.64 13.77 7.10
N ARG A 65 0.27 13.83 8.08
CA ARG A 65 1.63 14.37 7.84
C ARG A 65 2.72 13.39 8.32
N LEU A 66 3.86 13.44 7.63
CA LEU A 66 4.89 12.43 7.72
C LEU A 66 5.64 12.56 9.07
N ASN A 67 6.08 13.76 9.43
CA ASN A 67 7.03 13.90 10.55
C ASN A 67 6.46 14.82 11.64
N SER A 68 5.14 14.99 11.63
CA SER A 68 4.44 15.77 12.65
C SER A 68 3.19 14.98 13.07
N ASN A 69 2.69 15.28 14.27
CA ASN A 69 1.50 14.60 14.77
C ASN A 69 0.28 15.25 14.09
N THR A 70 -0.70 14.43 13.75
CA THR A 70 -1.99 14.91 13.27
C THR A 70 -2.97 14.79 14.45
N GLN A 71 -3.78 15.82 14.65
CA GLN A 71 -4.80 15.77 15.70
C GLN A 71 -5.71 14.57 15.46
N GLY A 72 -5.82 13.69 16.47
CA GLY A 72 -6.74 12.57 16.47
C GLY A 72 -6.07 11.27 16.06
N GLU A 73 -4.76 11.32 15.82
CA GLU A 73 -4.03 10.11 15.41
C GLU A 73 -3.98 9.09 16.56
N MET A 74 -3.82 7.81 16.18
CA MET A 74 -3.59 6.72 17.12
C MET A 74 -2.31 5.99 16.74
N LYS A 75 -1.56 5.59 17.78
CA LYS A 75 -0.26 4.93 17.67
C LYS A 75 -0.34 3.46 18.13
N PHE A 76 0.28 2.57 17.37
CA PHE A 76 0.22 1.11 17.66
C PHE A 76 1.61 0.47 17.62
N GLU A 77 1.81 -0.52 18.50
CA GLU A 77 2.85 -1.50 18.32
C GLU A 77 2.31 -2.62 17.45
N VAL A 78 3.25 -3.44 16.95
CA VAL A 78 2.95 -4.55 16.09
C VAL A 78 3.05 -5.83 16.91
N GLU A 79 1.89 -6.42 17.21
CA GLU A 79 1.77 -7.64 18.03
C GLU A 79 2.14 -8.89 17.21
N ASN A 80 1.93 -8.81 15.88
CA ASN A 80 2.20 -9.89 14.94
C ASN A 80 2.63 -9.31 13.59
N LEU A 81 3.83 -9.59 13.10
CA LEU A 81 4.22 -9.16 11.74
C LEU A 81 4.27 -10.42 10.88
N ILE A 82 3.27 -10.58 9.99
CA ILE A 82 3.14 -11.79 9.17
C ILE A 82 3.57 -11.49 7.73
N LEU A 83 4.72 -12.04 7.34
CA LEU A 83 5.21 -11.90 5.98
C LEU A 83 4.80 -13.15 5.20
N HIS A 84 4.71 -13.02 3.88
CA HIS A 84 4.24 -14.10 3.07
C HIS A 84 5.39 -15.09 2.84
N LYS A 85 5.16 -16.35 3.20
CA LYS A 85 6.19 -17.40 3.21
C LYS A 85 6.74 -17.62 1.78
N ASP A 86 5.94 -17.27 0.77
CA ASP A 86 6.26 -17.54 -0.64
C ASP A 86 6.74 -16.27 -1.37
N TYR A 87 7.06 -15.20 -0.63
CA TYR A 87 7.60 -13.98 -1.20
C TYR A 87 8.93 -14.28 -1.93
N SER A 88 9.15 -13.63 -3.06
CA SER A 88 10.45 -13.68 -3.74
C SER A 88 10.68 -12.37 -4.49
N ALA A 89 11.94 -12.00 -4.69
CA ALA A 89 12.26 -10.83 -5.48
C ALA A 89 13.29 -11.16 -6.56
N ASP A 90 12.94 -10.84 -7.81
CA ASP A 90 13.86 -10.79 -8.95
C ASP A 90 14.38 -9.35 -9.08
N THR A 91 15.22 -9.13 -10.09
CA THR A 91 15.85 -7.84 -10.30
C THR A 91 14.86 -6.69 -10.11
N LEU A 92 13.61 -6.90 -10.56
CA LEU A 92 12.58 -5.87 -10.53
C LEU A 92 11.35 -6.35 -9.76
N ALA A 93 10.73 -7.42 -10.27
CA ALA A 93 9.41 -7.85 -9.86
C ALA A 93 9.49 -8.50 -8.46
N HIS A 94 8.49 -8.19 -7.64
CA HIS A 94 8.27 -8.83 -6.36
C HIS A 94 7.05 -9.75 -6.50
N HIS A 95 7.15 -10.97 -5.97
CA HIS A 95 6.09 -11.96 -6.00
C HIS A 95 5.54 -12.16 -4.60
N ASN A 96 4.22 -12.33 -4.50
CA ASN A 96 3.53 -12.56 -3.21
C ASN A 96 3.90 -11.43 -2.25
N ASP A 97 3.84 -10.19 -2.75
CA ASP A 97 4.35 -9.05 -2.01
C ASP A 97 3.22 -8.51 -1.13
N ILE A 98 2.98 -9.23 -0.04
CA ILE A 98 1.82 -8.93 0.84
C ILE A 98 2.18 -9.27 2.28
N ALA A 99 1.71 -8.45 3.23
CA ALA A 99 2.07 -8.58 4.63
C ALA A 99 0.91 -8.13 5.50
N LEU A 100 0.80 -8.74 6.69
CA LEU A 100 -0.22 -8.38 7.69
C LEU A 100 0.47 -7.94 8.98
N LEU A 101 -0.03 -6.84 9.55
CA LEU A 101 0.37 -6.32 10.84
C LEU A 101 -0.84 -6.31 11.76
N LYS A 102 -0.78 -7.12 12.83
CA LYS A 102 -1.75 -7.04 13.90
C LYS A 102 -1.30 -5.96 14.87
N ILE A 103 -2.16 -4.96 15.08
CA ILE A 103 -1.82 -3.79 15.84
C ILE A 103 -2.50 -3.87 17.22
N ARG A 104 -1.80 -3.36 18.22
CA ARG A 104 -2.30 -3.20 19.58
C ARG A 104 -1.58 -2.01 20.20
N SER A 105 -2.38 -1.15 20.86
CA SER A 105 -1.88 0.05 21.50
C SER A 105 -1.23 -0.35 22.82
N LYS A 106 -0.51 0.60 23.42
CA LYS A 106 0.09 0.41 24.74
C LYS A 106 -0.99 0.14 25.78
N GLU A 107 -2.25 0.54 25.49
CA GLU A 107 -3.41 0.28 26.35
C GLU A 107 -4.10 -1.03 25.93
N GLY A 108 -3.46 -1.78 25.03
CA GLY A 108 -3.91 -3.11 24.58
C GLY A 108 -5.17 -3.05 23.72
N ARG A 109 -5.37 -1.99 22.96
CA ARG A 109 -6.59 -1.92 22.16
C ARG A 109 -6.27 -1.86 20.66
N CYS A 110 -7.28 -2.22 19.86
CA CYS A 110 -7.24 -2.19 18.42
C CYS A 110 -7.63 -0.77 17.96
N ALA A 111 -7.87 -0.60 16.65
CA ALA A 111 -8.29 0.67 16.12
C ALA A 111 -9.72 0.99 16.61
N GLN A 112 -9.95 2.24 17.00
CA GLN A 112 -11.26 2.81 17.26
C GLN A 112 -11.69 3.71 16.10
N PRO A 113 -12.72 3.33 15.29
CA PRO A 113 -13.12 4.13 14.14
C PRO A 113 -13.56 5.55 14.54
N SER A 114 -13.18 6.53 13.71
CA SER A 114 -13.40 7.93 13.97
C SER A 114 -13.57 8.62 12.62
N ARG A 115 -13.62 9.95 12.61
CA ARG A 115 -13.69 10.67 11.35
C ARG A 115 -12.42 10.43 10.51
N THR A 116 -11.31 10.09 11.18
CA THR A 116 -10.00 10.00 10.54
C THR A 116 -9.47 8.56 10.49
N ILE A 117 -10.26 7.59 10.94
CA ILE A 117 -9.84 6.18 11.06
C ILE A 117 -11.05 5.29 10.72
N GLN A 118 -10.97 4.58 9.60
CA GLN A 118 -12.01 3.65 9.16
C GLN A 118 -11.35 2.46 8.47
N THR A 119 -12.04 1.32 8.42
CA THR A 119 -11.56 0.17 7.63
C THR A 119 -11.96 0.33 6.16
N ILE A 120 -11.28 -0.46 5.31
CA ILE A 120 -11.59 -0.58 3.90
C ILE A 120 -12.00 -2.03 3.63
N ALA A 121 -13.02 -2.21 2.79
CA ALA A 121 -13.49 -3.52 2.39
C ALA A 121 -12.47 -4.22 1.49
N LEU A 122 -12.32 -5.54 1.70
CA LEU A 122 -11.59 -6.39 0.76
C LEU A 122 -12.49 -6.69 -0.43
N PRO A 123 -11.94 -7.00 -1.62
CA PRO A 123 -12.76 -7.45 -2.74
C PRO A 123 -13.29 -8.86 -2.46
N SER A 124 -14.35 -9.26 -3.17
CA SER A 124 -14.69 -10.66 -3.26
C SER A 124 -13.69 -11.35 -4.18
N MET A 125 -13.56 -12.67 -3.97
CA MET A 125 -12.73 -13.61 -4.69
C MET A 125 -12.71 -13.31 -6.19
N TYR A 126 -11.52 -12.98 -6.70
CA TYR A 126 -11.23 -12.83 -8.13
C TYR A 126 -12.12 -11.75 -8.76
N ASN A 127 -12.68 -10.85 -7.95
CA ASN A 127 -13.58 -9.80 -8.46
C ASN A 127 -12.80 -8.50 -8.56
N ASP A 128 -12.36 -8.16 -9.78
CA ASP A 128 -11.63 -6.93 -10.07
C ASP A 128 -12.45 -6.08 -11.05
N PRO A 129 -12.27 -4.75 -11.07
CA PRO A 129 -12.93 -3.92 -12.08
C PRO A 129 -12.34 -4.23 -13.46
N GLN A 130 -13.08 -3.88 -14.52
CA GLN A 130 -12.61 -4.07 -15.89
C GLN A 130 -11.44 -3.11 -16.14
N PHE A 131 -10.55 -3.51 -17.06
CA PHE A 131 -9.43 -2.68 -17.44
C PHE A 131 -9.99 -1.36 -18.01
N GLY A 132 -9.24 -0.28 -17.79
CA GLY A 132 -9.70 1.05 -18.13
C GLY A 132 -10.39 1.75 -16.97
N THR A 133 -10.68 1.01 -15.90
CA THR A 133 -11.32 1.60 -14.73
C THR A 133 -10.32 2.51 -13.99
N SER A 134 -10.83 3.67 -13.54
CA SER A 134 -10.07 4.63 -12.73
C SER A 134 -10.09 4.19 -11.27
N CYS A 135 -8.91 4.08 -10.67
CA CYS A 135 -8.77 3.83 -9.25
C CYS A 135 -7.83 4.87 -8.61
N GLU A 136 -7.86 4.93 -7.27
CA GLU A 136 -7.00 5.88 -6.55
C GLU A 136 -5.87 5.15 -5.80
N ILE A 137 -4.73 5.86 -5.66
CA ILE A 137 -3.58 5.44 -4.88
C ILE A 137 -3.18 6.59 -3.93
N THR A 138 -2.67 6.22 -2.76
CA THR A 138 -2.37 7.15 -1.69
C THR A 138 -1.01 6.82 -1.11
N GLY A 139 -0.25 7.86 -0.78
CA GLY A 139 0.91 7.62 0.06
C GLY A 139 1.77 8.83 0.29
N PHE A 140 2.85 8.59 1.04
CA PHE A 140 3.83 9.61 1.43
C PHE A 140 5.11 9.47 0.60
N GLY A 141 5.08 8.75 -0.53
CA GLY A 141 6.28 8.49 -1.31
C GLY A 141 6.75 9.71 -2.08
N LYS A 142 7.86 9.53 -2.78
CA LYS A 142 8.47 10.65 -3.52
C LYS A 142 7.50 11.31 -4.51
N GLU A 143 7.65 12.63 -4.67
CA GLU A 143 6.89 13.44 -5.65
C GLU A 143 7.59 13.47 -7.02
N GLN A 144 8.88 13.17 -7.03
CA GLN A 144 9.68 13.08 -8.27
C GLN A 144 10.74 12.00 -8.08
N SER A 145 11.01 11.22 -9.13
CA SER A 145 11.94 10.10 -9.03
C SER A 145 13.29 10.58 -8.46
N THR A 146 13.65 11.82 -8.75
CA THR A 146 15.00 12.33 -8.39
C THR A 146 15.02 13.00 -7.02
N ASP A 147 13.87 13.05 -6.35
CA ASP A 147 13.79 13.65 -5.04
C ASP A 147 14.61 12.80 -4.05
N TYR A 148 15.23 13.49 -3.10
CA TYR A 148 15.79 12.89 -1.90
C TYR A 148 14.70 12.74 -0.82
N LEU A 149 14.00 13.85 -0.58
CA LEU A 149 13.04 13.97 0.49
C LEU A 149 11.70 13.34 0.07
N TYR A 150 10.96 12.90 1.08
CA TYR A 150 9.58 12.49 0.93
C TYR A 150 8.73 13.71 1.30
N PRO A 151 7.51 13.87 0.71
CA PRO A 151 6.62 14.96 1.08
C PRO A 151 6.10 14.80 2.52
N GLU A 152 5.87 15.95 3.16
CA GLU A 152 5.45 16.02 4.53
C GLU A 152 3.93 15.82 4.60
N GLN A 153 3.23 16.12 3.50
CA GLN A 153 1.77 16.04 3.39
C GLN A 153 1.40 14.83 2.53
N LEU A 154 0.39 14.06 2.99
CA LEU A 154 -0.14 12.93 2.25
C LEU A 154 -0.62 13.37 0.87
N LYS A 155 -0.50 12.46 -0.10
CA LYS A 155 -0.89 12.70 -1.46
C LYS A 155 -1.70 11.53 -2.02
N MET A 156 -2.47 11.84 -3.08
CA MET A 156 -3.19 10.82 -3.79
C MET A 156 -3.35 11.19 -5.26
N THR A 157 -3.57 10.18 -6.08
CA THR A 157 -3.77 10.41 -7.51
C THR A 157 -4.67 9.29 -8.03
N VAL A 158 -4.92 9.37 -9.33
CA VAL A 158 -5.79 8.46 -10.04
C VAL A 158 -4.99 7.82 -11.16
N VAL A 159 -5.11 6.49 -11.25
CA VAL A 159 -4.55 5.71 -12.35
C VAL A 159 -5.62 4.77 -12.89
N LYS A 160 -5.40 4.27 -14.11
CA LYS A 160 -6.33 3.34 -14.77
C LYS A 160 -5.73 1.92 -14.78
N LEU A 161 -6.59 0.93 -14.52
CA LEU A 161 -6.22 -0.51 -14.59
C LEU A 161 -5.86 -0.88 -16.03
N ILE A 162 -4.78 -1.68 -16.11
CA ILE A 162 -4.29 -2.18 -17.42
C ILE A 162 -4.47 -3.71 -17.45
N SER A 163 -4.89 -4.25 -18.59
CA SER A 163 -5.11 -5.69 -18.72
C SER A 163 -3.80 -6.43 -18.53
N HIS A 164 -3.90 -7.66 -18.05
CA HIS A 164 -2.73 -8.52 -17.95
C HIS A 164 -2.13 -8.61 -19.35
N ARG A 165 -2.98 -8.69 -20.38
CA ARG A 165 -2.50 -8.87 -21.77
C ARG A 165 -1.65 -7.68 -22.19
N GLU A 166 -2.10 -6.48 -21.86
CA GLU A 166 -1.34 -5.31 -22.33
C GLU A 166 -0.04 -5.24 -21.53
N CYS A 167 -0.09 -5.57 -20.25
CA CYS A 167 1.06 -5.47 -19.38
C CYS A 167 2.14 -6.52 -19.73
N GLN A 168 1.74 -7.65 -20.34
CA GLN A 168 2.67 -8.73 -20.72
C GLN A 168 3.60 -8.33 -21.87
N GLN A 169 3.25 -7.25 -22.59
CA GLN A 169 3.99 -6.85 -23.77
C GLN A 169 5.47 -6.66 -23.46
N PRO A 170 6.34 -6.75 -24.50
CA PRO A 170 7.79 -6.74 -24.28
C PRO A 170 8.25 -5.38 -23.76
N HIS A 171 7.74 -4.31 -24.37
CA HIS A 171 8.12 -2.94 -24.02
C HIS A 171 7.25 -2.42 -22.86
N TYR A 172 6.39 -3.28 -22.30
CA TYR A 172 5.91 -3.10 -20.95
C TYR A 172 6.81 -3.95 -20.05
N TYR A 173 6.27 -5.02 -19.45
CA TYR A 173 7.03 -5.79 -18.48
C TYR A 173 7.31 -7.24 -18.94
N GLY A 174 6.91 -7.60 -20.15
CA GLY A 174 7.14 -8.98 -20.62
C GLY A 174 6.51 -9.99 -19.68
N SER A 175 7.25 -11.04 -19.34
CA SER A 175 6.79 -12.10 -18.40
C SER A 175 7.05 -11.72 -16.93
N GLU A 176 7.58 -10.53 -16.64
CA GLU A 176 7.80 -10.07 -15.24
C GLU A 176 6.48 -10.02 -14.45
N VAL A 177 5.36 -9.71 -15.12
CA VAL A 177 4.08 -9.52 -14.43
C VAL A 177 3.26 -10.80 -14.51
N THR A 178 2.65 -11.19 -13.40
CA THR A 178 1.86 -12.43 -13.29
C THR A 178 0.38 -12.10 -13.09
N THR A 179 -0.46 -13.14 -13.08
CA THR A 179 -1.91 -13.02 -12.84
C THR A 179 -2.22 -12.62 -11.40
N LYS A 180 -1.23 -12.74 -10.50
CA LYS A 180 -1.41 -12.30 -9.10
C LYS A 180 -0.98 -10.83 -8.91
N MET A 181 -0.64 -10.17 -10.02
CA MET A 181 -0.33 -8.72 -10.06
C MET A 181 -1.37 -7.97 -10.92
N LEU A 182 -1.55 -6.67 -10.63
CA LEU A 182 -2.38 -5.76 -11.43
C LEU A 182 -1.48 -4.61 -11.86
N CYS A 183 -1.53 -4.23 -13.15
CA CYS A 183 -0.86 -3.01 -13.60
C CYS A 183 -1.87 -1.86 -13.62
N ALA A 184 -1.41 -0.65 -13.30
CA ALA A 184 -2.18 0.57 -13.42
C ALA A 184 -1.26 1.72 -13.82
N ALA A 185 -1.80 2.67 -14.58
CA ALA A 185 -1.04 3.78 -15.10
C ALA A 185 -1.98 4.89 -15.57
N ASP A 186 -1.36 6.06 -15.77
CA ASP A 186 -1.99 7.20 -16.35
C ASP A 186 -1.82 7.13 -17.87
N PRO A 187 -2.85 7.47 -18.67
CA PRO A 187 -2.73 7.37 -20.13
C PRO A 187 -1.63 8.28 -20.69
N GLN A 188 -1.26 9.33 -19.94
CA GLN A 188 -0.20 10.24 -20.34
C GLN A 188 1.11 9.90 -19.60
N TRP A 189 1.06 8.89 -18.72
CA TRP A 189 2.19 8.47 -17.88
C TRP A 189 2.67 9.62 -16.96
N LYS A 190 1.77 10.54 -16.64
CA LYS A 190 2.10 11.84 -16.00
C LYS A 190 2.07 11.72 -14.46
N THR A 191 1.43 10.66 -13.92
CA THR A 191 1.19 10.45 -12.48
C THR A 191 1.27 8.95 -12.17
N ASP A 192 1.72 8.64 -10.95
CA ASP A 192 2.05 7.26 -10.54
C ASP A 192 2.40 7.22 -9.05
N SER A 193 2.46 5.99 -8.52
CA SER A 193 3.14 5.69 -7.27
C SER A 193 4.66 5.70 -7.50
N CYS A 194 5.42 5.82 -6.40
CA CYS A 194 6.89 5.84 -6.45
C CYS A 194 7.45 5.28 -5.13
N GLN A 195 8.79 5.22 -5.03
CA GLN A 195 9.48 4.82 -3.84
C GLN A 195 8.88 5.53 -2.62
N GLY A 196 8.58 4.75 -1.56
CA GLY A 196 7.95 5.26 -0.35
C GLY A 196 6.44 5.07 -0.35
N ASP A 197 5.85 4.81 -1.52
CA ASP A 197 4.41 4.52 -1.61
C ASP A 197 4.11 3.03 -1.40
N SER A 198 5.16 2.19 -1.38
CA SER A 198 5.00 0.72 -1.24
C SER A 198 4.09 0.40 -0.06
N GLY A 199 3.26 -0.62 -0.21
CA GLY A 199 2.43 -1.15 0.87
C GLY A 199 1.08 -0.47 0.95
N GLY A 200 0.97 0.69 0.30
CA GLY A 200 -0.20 1.54 0.36
C GLY A 200 -1.30 1.08 -0.58
N PRO A 201 -2.51 1.64 -0.46
CA PRO A 201 -3.69 1.18 -1.19
C PRO A 201 -3.92 1.71 -2.61
N LEU A 202 -4.28 0.80 -3.53
CA LEU A 202 -5.02 1.08 -4.74
C LEU A 202 -6.49 0.73 -4.49
N VAL A 203 -7.37 1.74 -4.55
CA VAL A 203 -8.77 1.60 -4.18
C VAL A 203 -9.64 1.89 -5.41
N CYS A 204 -10.58 0.97 -5.65
CA CYS A 204 -11.56 1.12 -6.72
C CYS A 204 -12.96 0.97 -6.15
N SER A 205 -13.93 1.57 -6.84
CA SER A 205 -15.32 1.43 -6.44
C SER A 205 -15.91 0.27 -7.24
N LEU A 206 -16.36 -0.76 -6.53
CA LEU A 206 -16.81 -2.01 -7.10
C LEU A 206 -18.19 -2.34 -6.52
N GLN A 207 -19.13 -2.67 -7.40
CA GLN A 207 -20.54 -2.80 -7.05
C GLN A 207 -20.94 -1.70 -6.05
N GLY A 208 -20.43 -0.49 -6.27
CA GLY A 208 -20.78 0.70 -5.49
C GLY A 208 -20.15 0.75 -4.10
N ARG A 209 -19.01 0.07 -3.91
CA ARG A 209 -18.34 0.04 -2.61
C ARG A 209 -16.84 0.25 -2.83
N MET A 210 -16.23 1.11 -2.01
CA MET A 210 -14.80 1.40 -2.04
C MET A 210 -14.05 0.15 -1.56
N THR A 211 -13.13 -0.34 -2.40
CA THR A 211 -12.58 -1.70 -2.27
C THR A 211 -11.07 -1.67 -2.43
N LEU A 212 -10.34 -2.37 -1.52
CA LEU A 212 -8.88 -2.52 -1.65
C LEU A 212 -8.54 -3.51 -2.76
N THR A 213 -8.34 -2.99 -3.96
CA THR A 213 -8.10 -3.81 -5.12
C THR A 213 -6.62 -4.17 -5.21
N GLY A 214 -5.75 -3.27 -4.73
CA GLY A 214 -4.31 -3.43 -4.90
C GLY A 214 -3.51 -2.85 -3.76
N ILE A 215 -2.26 -3.30 -3.69
CA ILE A 215 -1.25 -2.86 -2.77
C ILE A 215 -0.02 -2.49 -3.60
N VAL A 216 0.48 -1.26 -3.38
CA VAL A 216 1.63 -0.77 -4.10
C VAL A 216 2.81 -1.72 -3.88
N SER A 217 3.40 -2.20 -4.99
CA SER A 217 4.41 -3.26 -4.92
C SER A 217 5.72 -2.85 -5.63
N TRP A 218 5.68 -2.61 -6.95
CA TRP A 218 6.91 -2.31 -7.70
C TRP A 218 6.62 -1.59 -9.02
N GLY A 219 7.71 -1.13 -9.66
CA GLY A 219 7.66 -0.59 -10.99
C GLY A 219 9.06 -0.32 -11.53
N ARG A 220 9.20 -0.16 -12.85
CA ARG A 220 10.49 0.21 -13.47
C ARG A 220 10.54 1.75 -13.55
N GLY A 221 11.26 2.55 -12.48
CA GLY A 221 11.09 3.96 -12.28
C GLY A 221 9.65 4.30 -11.95
N CYS A 222 9.30 5.56 -12.16
CA CYS A 222 7.99 6.10 -11.74
C CYS A 222 7.47 7.05 -12.83
N ALA A 223 6.19 6.93 -13.16
CA ALA A 223 5.56 7.76 -14.18
C ALA A 223 6.46 7.81 -15.43
N LEU A 224 6.84 6.61 -15.89
CA LEU A 224 7.69 6.39 -17.06
C LEU A 224 6.85 5.80 -18.20
N LYS A 225 7.05 6.31 -19.43
CA LYS A 225 6.31 5.80 -20.58
C LYS A 225 6.55 4.29 -20.67
N ASP A 226 5.46 3.55 -20.77
CA ASP A 226 5.39 2.10 -21.08
C ASP A 226 5.78 1.27 -19.85
N LYS A 227 5.81 1.92 -18.68
CA LYS A 227 6.21 1.27 -17.46
C LYS A 227 5.15 1.55 -16.40
N PRO A 228 4.02 0.81 -16.41
CA PRO A 228 3.00 0.95 -15.36
C PRO A 228 3.46 0.61 -13.94
N GLY A 229 2.72 1.13 -12.97
CA GLY A 229 2.83 0.67 -11.59
C GLY A 229 2.30 -0.73 -11.50
N VAL A 230 2.93 -1.54 -10.64
CA VAL A 230 2.55 -2.94 -10.41
C VAL A 230 2.14 -3.12 -8.94
N TYR A 231 0.98 -3.76 -8.77
CA TYR A 231 0.24 -3.85 -7.51
C TYR A 231 -0.04 -5.32 -7.23
N THR A 232 0.04 -5.71 -5.96
CA THR A 232 -0.43 -7.02 -5.52
C THR A 232 -1.94 -7.08 -5.77
N ARG A 233 -2.39 -8.18 -6.38
CA ARG A 233 -3.78 -8.30 -6.78
C ARG A 233 -4.50 -8.94 -5.60
N VAL A 234 -5.10 -8.08 -4.77
CA VAL A 234 -5.65 -8.50 -3.48
C VAL A 234 -6.73 -9.59 -3.64
N SER A 235 -7.50 -9.56 -4.73
CA SER A 235 -8.64 -10.48 -4.92
C SER A 235 -8.16 -11.92 -5.19
N HIS A 236 -6.83 -12.09 -5.35
CA HIS A 236 -6.19 -13.39 -5.54
C HIS A 236 -5.46 -13.86 -4.26
N PHE A 237 -5.55 -13.12 -3.14
CA PHE A 237 -4.86 -13.48 -1.91
C PHE A 237 -5.83 -13.68 -0.74
N LEU A 238 -7.13 -13.81 -1.00
CA LEU A 238 -8.09 -13.87 0.10
C LEU A 238 -7.89 -15.11 0.98
N PRO A 239 -7.56 -16.31 0.45
CA PRO A 239 -7.32 -17.48 1.30
C PRO A 239 -6.19 -17.20 2.30
N TRP A 240 -5.08 -16.62 1.80
CA TRP A 240 -3.95 -16.30 2.65
C TRP A 240 -4.36 -15.33 3.77
N ILE A 241 -5.16 -14.31 3.45
CA ILE A 241 -5.56 -13.31 4.43
C ILE A 241 -6.48 -13.97 5.47
N ARG A 242 -7.46 -14.73 4.98
CA ARG A 242 -8.38 -15.47 5.83
C ARG A 242 -7.57 -16.34 6.81
N SER A 243 -6.63 -17.14 6.28
CA SER A 243 -5.93 -18.16 7.08
C SER A 243 -5.04 -17.49 8.13
N HIS A 244 -4.64 -16.23 7.92
CA HIS A 244 -3.75 -15.56 8.84
C HIS A 244 -4.45 -14.59 9.80
N THR A 245 -5.75 -14.34 9.66
CA THR A 245 -6.39 -13.27 10.47
C THR A 245 -7.34 -13.84 11.53
N LYS A 246 -6.86 -14.81 12.31
CA LYS A 246 -7.65 -15.43 13.39
C LYS A 246 -6.76 -15.75 14.60
N GLU A 247 -7.30 -16.56 15.53
CA GLU A 247 -6.66 -16.91 16.80
C GLU A 247 -5.59 -17.98 16.58
N GLU A 248 -5.84 -18.88 15.62
C4 7R8 B . 6.96 1.42 -6.26
C3 7R8 B . 6.12 1.69 -7.33
C2 7R8 B . 6.60 2.23 -8.53
C1 7R8 B . 7.97 2.49 -8.62
O1 7R8 B . 11.48 1.49 -4.50
C6 7R8 B . 8.82 2.22 -7.58
C10 7R8 B . 10.17 2.50 -7.75
C9 7R8 B . 11.06 2.24 -6.71
C8 7R8 B . 10.58 1.73 -5.51
C7 7R8 B . 9.22 1.44 -5.35
C5 7R8 B . 8.33 1.69 -6.38
C11 7R8 B . 5.77 2.54 -9.62
N2 7R8 B . 6.31 2.94 -10.77
N1 7R8 B . 4.45 2.55 -9.45
S SO4 C . 9.98 1.32 -1.25
O1 SO4 C . 10.67 2.34 -0.44
O2 SO4 C . 10.94 0.83 -2.24
O3 SO4 C . 9.57 0.22 -0.34
O4 SO4 C . 8.79 1.95 -1.90
C1 PGE D . -11.35 7.38 -9.37
O1 PGE D . -11.97 8.58 -9.83
C2 PGE D . -11.84 6.94 -8.00
O2 PGE D . -13.25 7.15 -7.84
C3 PGE D . -13.78 6.66 -6.60
C4 PGE D . -15.05 5.82 -6.82
O4 PGE D . -17.88 5.54 -10.47
C6 PGE D . -17.75 6.35 -9.31
C5 PGE D . -17.09 5.63 -8.15
O3 PGE D . -16.11 6.48 -7.52
#